data_2XCK
#
_entry.id   2XCK
#
_cell.length_a   123.115
_cell.length_b   123.115
_cell.length_c   47.240
_cell.angle_alpha   90.00
_cell.angle_beta   90.00
_cell.angle_gamma   120.00
#
_symmetry.space_group_name_H-M   'P 32 2 1'
#
loop_
_entity.id
_entity.type
_entity.pdbx_description
1 polymer '3-PHOSPHOINOSITIDE DEPENDENT PROTEIN KINASE 1'
2 non-polymer 1-METHYL-8-{[4-(4-METHYLPIPERAZIN-1-YL)PHENYL]AMINO}-N-[(2-METHYLPYRIDIN-4-YL)METHYL]-4,5-DIHYDRO-1H-PYRAZOLO[4,3-H]QUINAZOLINE-3-CARBOXAMIDE
3 non-polymer GLYCEROL
4 non-polymer 'SULFATE ION'
5 water water
#
_entity_poly.entity_id   1
_entity_poly.type   'polypeptide(L)'
_entity_poly.pdbx_seq_one_letter_code
;MDGTAAEPRPGAGSLQHAQPPPQPRKKRPEDFKFGKILGEGSFSTTVLARELATSREYAIKILEKRHIIKENKVPYVTRE
RDVMSRLDHPFFVKLYFTFQDDEKLYFGLSYAKNGELLKYIRKIGSFDETCTRFYTAEIVSALEYLHGKGIIHRDLKPEN
ILLNEDMHIQITDFGTAKVLSPESKQARAN(SEP)FVGTAQYVSPELLTEKSACKSSDLWALGCIIYQLVAGLPPFRAGN
EYLIFQKIIKLEYDFPEKFFPKARDLVEKLLVLDATKRLGCEEMEGYGPLKAHPFFESVTWENLHQQTPPKLT
;
_entity_poly.pdbx_strand_id   A
#
# COMPACT_ATOMS: atom_id res chain seq x y z
N LYS A 26 1.43 30.04 2.76
CA LYS A 26 2.31 29.29 1.81
C LYS A 26 3.67 29.07 2.46
N LYS A 27 3.98 27.82 2.78
CA LYS A 27 5.13 27.50 3.62
C LYS A 27 6.41 27.46 2.78
N ARG A 28 7.55 27.51 3.45
CA ARG A 28 8.87 27.48 2.80
C ARG A 28 9.84 26.63 3.60
N PRO A 29 10.98 26.24 3.00
CA PRO A 29 11.95 25.41 3.75
C PRO A 29 12.32 25.97 5.13
N GLU A 30 12.47 27.28 5.21
CA GLU A 30 12.84 27.98 6.45
C GLU A 30 11.84 27.89 7.60
N ASP A 31 10.59 27.46 7.30
CA ASP A 31 9.54 27.24 8.34
C ASP A 31 9.72 25.96 9.14
N PHE A 32 10.69 25.15 8.75
CA PHE A 32 10.91 23.81 9.28
C PHE A 32 12.35 23.60 9.72
N LYS A 33 12.51 22.77 10.74
CA LYS A 33 13.76 22.19 11.10
C LYS A 33 13.73 20.75 10.55
N PHE A 34 14.56 20.49 9.55
CA PHE A 34 14.59 19.17 8.95
C PHE A 34 15.42 18.30 9.84
N GLY A 35 15.04 17.02 9.95
CA GLY A 35 15.75 16.08 10.80
C GLY A 35 16.18 14.89 9.96
N LYS A 36 15.95 13.70 10.48
CA LYS A 36 16.37 12.50 9.83
C LYS A 36 15.60 12.16 8.51
N ILE A 37 16.33 11.53 7.60
CA ILE A 37 15.86 10.97 6.35
C ILE A 37 15.05 9.69 6.62
N LEU A 38 13.81 9.64 6.11
CA LEU A 38 12.91 8.50 6.34
C LEU A 38 13.01 7.55 5.18
N GLY A 39 13.29 8.10 4.01
CA GLY A 39 13.63 7.32 2.85
C GLY A 39 14.23 8.14 1.72
N GLU A 40 14.91 7.43 0.81
CA GLU A 40 15.58 8.01 -0.36
C GLU A 40 15.24 7.29 -1.65
N GLY A 41 14.91 8.03 -2.69
CA GLY A 41 14.81 7.48 -4.04
C GLY A 41 15.83 8.12 -4.94
N SER A 42 15.61 7.90 -6.23
CA SER A 42 16.25 8.59 -7.37
C SER A 42 17.17 9.79 -7.03
N PHE A 43 16.66 11.01 -7.28
CA PHE A 43 17.04 12.19 -6.51
C PHE A 43 15.79 12.74 -5.84
N SER A 44 15.63 12.24 -4.62
CA SER A 44 14.36 12.17 -3.90
C SER A 44 14.73 11.87 -2.47
N THR A 45 13.94 12.42 -1.55
CA THR A 45 14.16 12.19 -0.15
C THR A 45 12.86 12.50 0.59
N THR A 46 12.51 11.62 1.51
CA THR A 46 11.56 11.92 2.56
C THR A 46 12.34 12.23 3.83
N VAL A 47 12.08 13.41 4.39
CA VAL A 47 12.79 13.89 5.57
C VAL A 47 11.76 14.15 6.65
N LEU A 48 11.98 13.69 7.88
CA LEU A 48 11.19 14.14 9.00
C LEU A 48 11.50 15.62 9.29
N ALA A 49 10.49 16.48 9.33
CA ALA A 49 10.64 17.92 9.59
C ALA A 49 9.70 18.38 10.71
N ARG A 50 10.17 19.34 11.50
CA ARG A 50 9.32 19.94 12.52
C ARG A 50 9.10 21.39 12.16
N GLU A 51 7.84 21.75 12.09
CA GLU A 51 7.40 23.09 11.81
C GLU A 51 7.59 23.93 13.06
N LEU A 52 8.31 25.03 12.88
CA LEU A 52 8.79 25.89 13.97
C LEU A 52 7.63 26.59 14.69
N ALA A 53 6.74 27.21 13.94
CA ALA A 53 5.53 27.81 14.47
C ALA A 53 4.57 26.90 15.29
N THR A 54 4.60 25.58 15.10
CA THR A 54 3.55 24.69 15.63
C THR A 54 4.10 23.56 16.45
N SER A 55 5.40 23.25 16.23
CA SER A 55 6.05 22.06 16.76
C SER A 55 5.53 20.74 16.14
N ARG A 56 4.66 20.84 15.14
CA ARG A 56 4.17 19.67 14.40
C ARG A 56 5.21 19.01 13.55
N GLU A 57 5.21 17.68 13.61
CA GLU A 57 6.06 16.85 12.75
C GLU A 57 5.36 16.48 11.45
N TYR A 58 6.05 16.65 10.33
CA TYR A 58 5.61 16.21 9.01
C TYR A 58 6.70 15.38 8.40
N ALA A 59 6.30 14.46 7.52
CA ALA A 59 7.22 13.76 6.71
C ALA A 59 7.17 14.52 5.40
N ILE A 60 8.29 15.16 5.03
CA ILE A 60 8.31 16.01 3.85
C ILE A 60 9.02 15.31 2.70
N LYS A 61 8.27 15.05 1.62
CA LYS A 61 8.86 14.47 0.43
C LYS A 61 9.43 15.57 -0.45
N ILE A 62 10.70 15.40 -0.81
CA ILE A 62 11.43 16.42 -1.57
C ILE A 62 11.89 15.83 -2.90
N LEU A 63 11.57 16.54 -3.98
CA LEU A 63 11.82 16.04 -5.33
C LEU A 63 12.53 17.13 -6.13
N GLU A 64 13.60 16.72 -6.77
CA GLU A 64 14.41 17.63 -7.58
C GLU A 64 13.74 17.88 -8.95
N LYS A 65 13.28 19.10 -9.22
CA LYS A 65 12.55 19.40 -10.46
C LYS A 65 13.33 18.99 -11.72
N ARG A 66 14.63 19.28 -11.76
CA ARG A 66 15.52 18.84 -12.87
C ARG A 66 15.40 17.36 -13.20
N HIS A 67 15.60 16.48 -12.23
CA HIS A 67 15.53 15.03 -12.46
C HIS A 67 14.14 14.57 -12.87
N ILE A 68 13.10 15.21 -12.32
CA ILE A 68 11.72 14.88 -12.73
C ILE A 68 11.57 15.16 -14.24
N ILE A 69 12.04 16.32 -14.68
CA ILE A 69 11.95 16.75 -16.08
C ILE A 69 12.80 15.86 -17.00
N LYS A 70 14.07 15.66 -16.65
CA LYS A 70 14.94 14.79 -17.44
C LYS A 70 14.42 13.38 -17.55
N GLU A 71 13.85 12.85 -16.47
CA GLU A 71 13.38 11.47 -16.48
C GLU A 71 11.93 11.33 -16.99
N ASN A 72 11.38 12.40 -17.56
CA ASN A 72 9.97 12.50 -17.98
C ASN A 72 8.97 12.04 -16.92
N LYS A 73 9.11 12.55 -15.70
CA LYS A 73 8.28 12.07 -14.60
C LYS A 73 7.20 13.09 -14.18
N VAL A 74 7.04 14.16 -14.96
CA VAL A 74 6.01 15.19 -14.68
C VAL A 74 4.59 14.62 -14.56
N PRO A 75 4.17 13.75 -15.49
CA PRO A 75 2.81 13.23 -15.32
C PRO A 75 2.67 12.44 -13.99
N TYR A 76 3.74 11.78 -13.55
CA TYR A 76 3.71 10.98 -12.36
C TYR A 76 3.70 11.78 -11.06
N VAL A 77 4.55 12.78 -10.99
CA VAL A 77 4.58 13.66 -9.84
C VAL A 77 3.25 14.44 -9.69
N THR A 78 2.73 14.89 -10.84
CA THR A 78 1.43 15.59 -10.94
C THR A 78 0.27 14.68 -10.52
N ARG A 79 0.31 13.43 -10.95
CA ARG A 79 -0.69 12.46 -10.55
C ARG A 79 -0.64 12.17 -9.06
N GLU A 80 0.57 12.02 -8.51
CA GLU A 80 0.74 11.80 -7.09
C GLU A 80 0.07 12.89 -6.23
N ARG A 81 0.33 14.15 -6.58
CA ARG A 81 -0.19 15.28 -5.85
C ARG A 81 -1.72 15.32 -5.98
N ASP A 82 -2.22 15.11 -7.19
CA ASP A 82 -3.67 15.06 -7.49
C ASP A 82 -4.47 13.93 -6.79
N VAL A 83 -3.94 12.71 -6.76
CA VAL A 83 -4.55 11.59 -6.05
C VAL A 83 -4.57 11.84 -4.53
N MET A 84 -3.42 12.25 -3.97
CA MET A 84 -3.33 12.49 -2.52
C MET A 84 -4.23 13.61 -2.07
N SER A 85 -4.46 14.59 -2.94
CA SER A 85 -5.33 15.68 -2.60
C SER A 85 -6.79 15.23 -2.51
N ARG A 86 -7.17 14.17 -3.22
CA ARG A 86 -8.56 13.66 -3.29
C ARG A 86 -8.85 12.63 -2.18
N LEU A 87 -7.83 12.31 -1.40
CA LEU A 87 -7.92 11.27 -0.43
C LEU A 87 -8.15 11.89 0.92
N ASP A 88 -9.14 11.36 1.62
CA ASP A 88 -9.50 11.92 2.89
C ASP A 88 -9.99 10.80 3.79
N HIS A 89 -9.08 9.93 4.20
CA HIS A 89 -9.49 8.76 4.85
C HIS A 89 -8.41 8.41 5.82
N PRO A 90 -8.78 7.96 7.02
CA PRO A 90 -7.74 7.69 7.98
C PRO A 90 -6.68 6.60 7.62
N PHE A 91 -6.88 5.78 6.60
CA PHE A 91 -5.92 4.71 6.36
C PHE A 91 -4.98 5.09 5.20
N PHE A 92 -4.99 6.37 4.82
CA PHE A 92 -4.09 6.93 3.81
C PHE A 92 -3.28 8.07 4.36
N VAL A 93 -2.02 8.15 3.96
CA VAL A 93 -1.16 9.30 4.22
C VAL A 93 -1.89 10.51 3.64
N LYS A 94 -1.91 11.60 4.40
CA LYS A 94 -2.52 12.86 4.04
C LYS A 94 -1.48 13.86 3.49
N LEU A 95 -1.86 14.58 2.43
CA LEU A 95 -1.13 15.76 1.95
C LEU A 95 -1.68 17.05 2.62
N TYR A 96 -0.89 17.66 3.52
CA TYR A 96 -1.29 18.91 4.16
C TYR A 96 -0.92 20.14 3.38
N PHE A 97 0.16 20.09 2.60
CA PHE A 97 0.69 21.29 1.94
C PHE A 97 1.70 20.91 0.90
N THR A 98 1.82 21.79 -0.10
CA THR A 98 2.91 21.73 -1.05
C THR A 98 3.55 23.10 -1.15
N PHE A 99 4.82 23.09 -1.48
CA PHE A 99 5.55 24.29 -1.92
C PHE A 99 6.74 23.89 -2.76
N GLN A 100 7.44 24.88 -3.29
CA GLN A 100 8.57 24.63 -4.14
C GLN A 100 9.57 25.78 -4.08
N ASP A 101 10.83 25.48 -4.36
CA ASP A 101 11.82 26.57 -4.50
C ASP A 101 12.38 26.49 -5.91
N ASP A 102 13.63 26.92 -6.14
CA ASP A 102 14.13 26.94 -7.52
C ASP A 102 14.43 25.54 -8.04
N GLU A 103 14.89 24.69 -7.13
CA GLU A 103 15.34 23.36 -7.45
C GLU A 103 14.29 22.29 -7.14
N LYS A 104 13.50 22.48 -6.09
CA LYS A 104 12.77 21.34 -5.49
C LYS A 104 11.29 21.57 -5.22
N LEU A 105 10.55 20.47 -5.30
CA LEU A 105 9.14 20.37 -4.88
C LEU A 105 9.11 19.75 -3.50
N TYR A 106 8.31 20.29 -2.61
CA TYR A 106 8.14 19.78 -1.25
C TYR A 106 6.68 19.35 -1.06
N PHE A 107 6.43 18.12 -0.61
CA PHE A 107 5.06 17.72 -0.23
C PHE A 107 5.07 17.46 1.27
N GLY A 108 4.17 18.12 2.02
CA GLY A 108 4.07 17.88 3.46
C GLY A 108 3.06 16.77 3.72
N LEU A 109 3.51 15.66 4.30
CA LEU A 109 2.71 14.45 4.42
C LEU A 109 2.59 14.11 5.90
N SER A 110 1.54 13.39 6.29
CA SER A 110 1.46 12.89 7.67
C SER A 110 2.68 12.07 7.91
N TYR A 111 3.11 12.04 9.17
CA TYR A 111 4.23 11.26 9.55
C TYR A 111 3.79 9.96 10.28
N ALA A 112 4.14 8.80 9.71
CA ALA A 112 3.82 7.53 10.34
C ALA A 112 4.99 7.10 11.17
N LYS A 113 4.88 7.33 12.48
CA LYS A 113 5.98 7.15 13.43
C LYS A 113 6.57 5.76 13.41
N ASN A 114 5.70 4.76 13.31
CA ASN A 114 6.13 3.36 13.44
C ASN A 114 6.69 2.66 12.20
N GLY A 115 6.87 3.40 11.11
CA GLY A 115 7.43 2.87 9.88
C GLY A 115 6.57 1.84 9.11
N GLU A 116 7.27 0.92 8.42
CA GLU A 116 6.72 -0.06 7.51
C GLU A 116 6.12 -1.25 8.17
N LEU A 117 4.96 -1.68 7.69
CA LEU A 117 4.44 -2.97 8.09
C LEU A 117 5.48 -4.10 7.93
N LEU A 118 6.23 -4.07 6.83
CA LEU A 118 7.33 -5.04 6.61
C LEU A 118 8.25 -5.15 7.82
N LYS A 119 8.57 -4.01 8.45
CA LYS A 119 9.42 -4.05 9.65
C LYS A 119 8.84 -5.02 10.65
N TYR A 120 7.52 -4.96 10.85
CA TYR A 120 6.84 -5.83 11.84
C TYR A 120 6.72 -7.28 11.43
N ILE A 121 6.56 -7.53 10.14
CA ILE A 121 6.52 -8.90 9.64
C ILE A 121 7.85 -9.60 9.93
N ARG A 122 8.98 -8.95 9.58
CA ARG A 122 10.33 -9.49 9.90
C ARG A 122 10.58 -9.61 11.39
N LYS A 123 10.20 -8.60 12.17
CA LYS A 123 10.47 -8.58 13.61
C LYS A 123 9.81 -9.73 14.34
N ILE A 124 8.52 -9.93 14.10
CA ILE A 124 7.81 -10.97 14.84
C ILE A 124 7.74 -12.27 14.06
N GLY A 125 8.26 -12.30 12.83
CA GLY A 125 8.26 -13.52 11.99
C GLY A 125 7.02 -13.76 11.12
N SER A 126 5.85 -13.83 11.74
CA SER A 126 4.53 -13.93 11.10
C SER A 126 3.47 -13.56 12.16
N PHE A 127 2.27 -13.17 11.73
CA PHE A 127 1.25 -12.62 12.63
C PHE A 127 0.36 -13.78 13.08
N ASP A 128 -0.09 -13.75 14.33
CA ASP A 128 -1.16 -14.67 14.75
C ASP A 128 -2.44 -14.35 13.98
N GLU A 129 -3.50 -15.10 14.25
CA GLU A 129 -4.76 -14.94 13.52
C GLU A 129 -5.48 -13.62 13.81
N THR A 130 -5.43 -13.16 15.05
CA THR A 130 -6.10 -11.96 15.46
C THR A 130 -5.45 -10.75 14.77
N CYS A 131 -4.11 -10.78 14.68
CA CYS A 131 -3.37 -9.68 14.10
C CYS A 131 -3.50 -9.65 12.57
N THR A 132 -3.43 -10.83 11.93
CA THR A 132 -3.69 -10.97 10.50
C THR A 132 -5.07 -10.41 10.16
N ARG A 133 -6.09 -10.82 10.91
CA ARG A 133 -7.48 -10.36 10.70
C ARG A 133 -7.64 -8.84 10.83
N PHE A 134 -7.15 -8.27 11.91
CA PHE A 134 -7.24 -6.83 12.11
C PHE A 134 -6.56 -6.04 10.99
N TYR A 135 -5.32 -6.40 10.63
CA TYR A 135 -4.59 -5.59 9.65
C TYR A 135 -5.03 -5.83 8.22
N THR A 136 -5.45 -7.06 7.90
CA THR A 136 -6.11 -7.33 6.61
C THR A 136 -7.41 -6.50 6.48
N ALA A 137 -8.24 -6.53 7.51
CA ALA A 137 -9.49 -5.74 7.52
C ALA A 137 -9.23 -4.25 7.25
N GLU A 138 -8.20 -3.69 7.89
CA GLU A 138 -7.82 -2.27 7.62
C GLU A 138 -7.45 -2.06 6.19
N ILE A 139 -6.66 -2.97 5.62
CA ILE A 139 -6.22 -2.86 4.22
C ILE A 139 -7.41 -3.01 3.28
N VAL A 140 -8.26 -4.01 3.52
CA VAL A 140 -9.50 -4.22 2.74
C VAL A 140 -10.35 -2.97 2.76
N SER A 141 -10.58 -2.46 3.95
CA SER A 141 -11.35 -1.20 4.16
C SER A 141 -10.79 0.10 3.48
N ALA A 142 -9.44 0.23 3.44
CA ALA A 142 -8.74 1.29 2.71
C ALA A 142 -8.90 1.09 1.23
N LEU A 143 -8.72 -0.15 0.74
CA LEU A 143 -8.97 -0.45 -0.70
C LEU A 143 -10.39 -0.13 -1.16
N GLU A 144 -11.37 -0.49 -0.33
CA GLU A 144 -12.76 -0.18 -0.64
C GLU A 144 -12.99 1.27 -0.89
N TYR A 145 -12.40 2.10 -0.04
CA TYR A 145 -12.44 3.53 -0.21
C TYR A 145 -11.68 3.99 -1.48
N LEU A 146 -10.47 3.47 -1.68
CA LEU A 146 -9.65 3.88 -2.78
C LEU A 146 -10.34 3.45 -4.04
N HIS A 147 -10.74 2.18 -4.11
CA HIS A 147 -11.44 1.71 -5.31
C HIS A 147 -12.77 2.44 -5.59
N GLY A 148 -13.50 2.82 -4.53
CA GLY A 148 -14.72 3.59 -4.69
C GLY A 148 -14.48 4.95 -5.33
N LYS A 149 -13.28 5.52 -5.18
CA LYS A 149 -12.97 6.78 -5.88
C LYS A 149 -12.40 6.54 -7.27
N GLY A 150 -12.43 5.31 -7.78
CA GLY A 150 -11.90 5.05 -9.12
C GLY A 150 -10.38 5.12 -9.23
N ILE A 151 -9.68 4.90 -8.13
CA ILE A 151 -8.23 5.00 -8.11
C ILE A 151 -7.69 3.61 -7.80
N ILE A 152 -6.68 3.19 -8.56
CA ILE A 152 -6.02 1.94 -8.26
C ILE A 152 -4.56 2.27 -7.84
N HIS A 153 -4.04 1.55 -6.83
CA HIS A 153 -2.73 1.83 -6.29
C HIS A 153 -1.57 1.36 -7.23
N ARG A 154 -1.61 0.07 -7.60
CA ARG A 154 -0.69 -0.58 -8.58
C ARG A 154 0.67 -0.97 -8.05
N ASP A 155 0.98 -0.65 -6.79
CA ASP A 155 2.23 -1.06 -6.15
C ASP A 155 2.04 -1.25 -4.65
N LEU A 156 1.04 -2.02 -4.27
CA LEU A 156 0.70 -2.23 -2.90
C LEU A 156 1.57 -3.34 -2.33
N LYS A 157 2.11 -3.09 -1.15
CA LYS A 157 3.11 -3.96 -0.57
C LYS A 157 3.34 -3.45 0.80
N PRO A 158 3.82 -4.32 1.69
CA PRO A 158 4.09 -3.97 3.10
C PRO A 158 5.06 -2.80 3.33
N GLU A 159 5.97 -2.53 2.38
CA GLU A 159 6.86 -1.36 2.44
C GLU A 159 6.09 -0.03 2.35
N ASN A 160 5.00 -0.04 1.58
CA ASN A 160 4.07 1.08 1.32
C ASN A 160 2.90 1.18 2.33
N ILE A 161 2.78 0.23 3.22
CA ILE A 161 1.73 0.25 4.22
C ILE A 161 2.41 0.63 5.52
N LEU A 162 2.29 1.90 5.88
CA LEU A 162 3.00 2.43 7.03
C LEU A 162 2.14 2.28 8.27
N LEU A 163 2.77 2.40 9.45
CA LEU A 163 2.03 2.31 10.73
C LEU A 163 2.13 3.60 11.55
N ASN A 164 1.01 4.18 11.94
CA ASN A 164 1.08 5.38 12.77
C ASN A 164 1.43 5.13 14.24
N GLU A 165 1.54 6.21 15.01
CA GLU A 165 1.84 6.18 16.45
C GLU A 165 0.93 5.20 17.16
N ASP A 166 -0.32 5.08 16.65
CA ASP A 166 -1.37 4.23 17.25
C ASP A 166 -1.45 2.83 16.68
N MET A 167 -0.58 2.54 15.72
CA MET A 167 -0.47 1.20 15.10
C MET A 167 -1.61 0.88 14.14
N HIS A 168 -2.23 1.93 13.60
CA HIS A 168 -3.18 1.83 12.50
C HIS A 168 -2.40 2.05 11.21
N ILE A 169 -2.86 1.45 10.11
CA ILE A 169 -2.22 1.62 8.79
C ILE A 169 -2.36 2.99 8.19
N GLN A 170 -1.33 3.38 7.42
CA GLN A 170 -1.33 4.55 6.61
C GLN A 170 -0.67 4.16 5.29
N ILE A 171 -1.48 4.02 4.25
CA ILE A 171 -0.96 3.61 2.98
C ILE A 171 -0.38 4.82 2.24
N THR A 172 0.72 4.58 1.53
CA THR A 172 1.43 5.64 0.82
C THR A 172 1.89 5.20 -0.54
N ASP A 173 2.63 6.09 -1.20
CA ASP A 173 3.29 5.88 -2.53
C ASP A 173 2.29 5.82 -3.67
N PHE A 174 1.79 7.00 -4.05
CA PHE A 174 0.77 7.20 -5.07
C PHE A 174 1.25 7.75 -6.40
N GLY A 175 2.58 7.85 -6.54
CA GLY A 175 3.25 8.28 -7.78
C GLY A 175 2.84 7.39 -8.95
N THR A 176 2.80 6.09 -8.69
CA THR A 176 2.47 5.12 -9.73
C THR A 176 1.00 4.66 -9.80
N ALA A 177 0.12 5.34 -9.06
CA ALA A 177 -1.34 5.05 -9.05
C ALA A 177 -1.99 5.38 -10.40
N LYS A 178 -3.18 4.84 -10.64
CA LYS A 178 -3.88 5.11 -11.89
C LYS A 178 -5.27 5.61 -11.57
N VAL A 179 -5.66 6.73 -12.17
CA VAL A 179 -7.01 7.24 -12.02
C VAL A 179 -7.78 6.77 -13.26
N LEU A 180 -8.82 5.95 -13.05
CA LEU A 180 -9.56 5.31 -14.14
C LEU A 180 -10.45 6.30 -14.88
N SER A 181 -10.37 6.32 -16.22
CA SER A 181 -11.18 7.23 -17.05
C SER A 181 -12.50 6.59 -17.49
N ASN A 190 -2.08 -0.75 -19.25
CA ASN A 190 -0.66 -0.75 -19.66
C ASN A 190 0.22 0.27 -18.92
N PHE A 192 2.77 1.03 -16.36
CA PHE A 192 3.53 0.71 -15.13
C PHE A 192 3.27 -0.69 -14.57
N VAL A 193 4.36 -1.43 -14.35
CA VAL A 193 4.32 -2.68 -13.59
C VAL A 193 5.00 -2.37 -12.27
N GLY A 194 4.42 -2.80 -11.14
CA GLY A 194 5.05 -2.59 -9.79
C GLY A 194 6.03 -3.68 -9.33
N THR A 195 6.25 -3.74 -8.03
CA THR A 195 7.17 -4.68 -7.39
C THR A 195 6.89 -6.16 -7.70
N ALA A 196 7.92 -6.87 -8.19
CA ALA A 196 7.80 -8.18 -8.82
C ALA A 196 6.96 -9.19 -8.06
N GLN A 197 7.22 -9.33 -6.77
CA GLN A 197 6.56 -10.31 -5.94
C GLN A 197 5.06 -10.15 -5.82
N TYR A 198 4.58 -8.95 -6.16
CA TYR A 198 3.15 -8.57 -5.96
C TYR A 198 2.43 -8.31 -7.30
N VAL A 199 3.15 -8.48 -8.42
CA VAL A 199 2.59 -8.33 -9.79
C VAL A 199 1.58 -9.44 -10.07
N SER A 200 0.47 -9.06 -10.69
CA SER A 200 -0.64 -9.97 -10.99
C SER A 200 -0.45 -10.49 -12.40
N PRO A 201 -0.98 -11.69 -12.68
CA PRO A 201 -0.70 -12.36 -13.94
C PRO A 201 -1.07 -11.49 -15.15
N GLU A 202 -2.20 -10.78 -15.09
CA GLU A 202 -2.71 -10.04 -16.25
C GLU A 202 -1.79 -8.92 -16.66
N LEU A 203 -1.03 -8.40 -15.69
CA LEU A 203 0.03 -7.45 -15.99
C LEU A 203 1.18 -8.05 -16.80
N LEU A 204 1.52 -9.30 -16.52
CA LEU A 204 2.56 -10.02 -17.27
C LEU A 204 2.09 -10.53 -18.63
N THR A 205 0.79 -10.63 -18.81
CA THR A 205 0.20 -11.28 -20.01
C THR A 205 -0.57 -10.29 -20.91
N GLU A 206 -1.56 -9.58 -20.37
CA GLU A 206 -2.38 -8.63 -21.17
C GLU A 206 -1.99 -7.15 -21.13
N LYS A 207 -0.88 -6.81 -20.45
CA LYS A 207 -0.53 -5.40 -20.16
C LYS A 207 -1.76 -4.58 -19.59
N SER A 208 -2.61 -5.24 -18.81
CA SER A 208 -3.81 -4.58 -18.27
C SER A 208 -3.86 -4.54 -16.73
N ALA A 209 -4.32 -3.40 -16.21
CA ALA A 209 -4.34 -3.11 -14.78
C ALA A 209 -5.73 -2.60 -14.37
N CYS A 210 -6.15 -2.98 -13.18
CA CYS A 210 -7.50 -2.73 -12.75
C CYS A 210 -7.51 -2.90 -11.24
N LYS A 211 -8.70 -2.78 -10.68
CA LYS A 211 -8.90 -2.92 -9.26
C LYS A 211 -8.47 -4.31 -8.77
N SER A 212 -8.64 -5.33 -9.61
CA SER A 212 -8.21 -6.70 -9.26
C SER A 212 -6.70 -6.90 -9.16
N SER A 213 -5.93 -6.04 -9.83
CA SER A 213 -4.48 -5.96 -9.64
C SER A 213 -4.13 -5.66 -8.17
N ASP A 214 -4.83 -4.69 -7.56
CA ASP A 214 -4.67 -4.44 -6.10
C ASP A 214 -5.14 -5.58 -5.22
N LEU A 215 -6.18 -6.31 -5.64
CA LEU A 215 -6.76 -7.44 -4.90
C LEU A 215 -5.87 -8.67 -4.93
N TRP A 216 -5.16 -8.82 -6.04
CA TRP A 216 -4.10 -9.78 -6.13
C TRP A 216 -3.00 -9.44 -5.12
N ALA A 217 -2.47 -8.19 -5.12
CA ALA A 217 -1.48 -7.77 -4.14
C ALA A 217 -2.02 -8.03 -2.74
N LEU A 218 -3.28 -7.69 -2.50
CA LEU A 218 -3.90 -8.05 -1.23
C LEU A 218 -3.78 -9.53 -0.82
N GLY A 219 -4.05 -10.46 -1.75
CA GLY A 219 -3.85 -11.88 -1.42
C GLY A 219 -2.42 -12.26 -1.10
N CYS A 220 -1.46 -11.67 -1.84
CA CYS A 220 -0.02 -11.84 -1.59
C CYS A 220 0.37 -11.31 -0.20
N ILE A 221 -0.13 -10.12 0.17
CA ILE A 221 0.05 -9.58 1.53
C ILE A 221 -0.54 -10.41 2.68
N ILE A 222 -1.80 -10.86 2.55
CA ILE A 222 -2.38 -11.77 3.54
C ILE A 222 -1.52 -13.01 3.69
N TYR A 223 -1.16 -13.65 2.58
CA TYR A 223 -0.32 -14.81 2.64
C TYR A 223 0.96 -14.47 3.41
N GLN A 224 1.60 -13.36 3.05
CA GLN A 224 2.81 -12.87 3.68
C GLN A 224 2.67 -12.62 5.20
N LEU A 225 1.52 -12.10 5.65
CA LEU A 225 1.26 -11.93 7.10
C LEU A 225 1.20 -13.25 7.87
N VAL A 226 0.51 -14.23 7.30
CA VAL A 226 0.33 -15.52 7.93
C VAL A 226 1.57 -16.41 7.79
N ALA A 227 2.18 -16.41 6.61
CA ALA A 227 3.33 -17.26 6.33
C ALA A 227 4.66 -16.62 6.72
N GLY A 228 4.72 -15.29 6.80
CA GLY A 228 6.00 -14.65 7.09
C GLY A 228 6.78 -14.21 5.86
N LEU A 229 6.38 -14.70 4.68
CA LEU A 229 7.02 -14.39 3.41
C LEU A 229 5.97 -14.32 2.33
N PRO A 230 6.23 -13.59 1.24
CA PRO A 230 5.33 -13.58 0.09
C PRO A 230 5.26 -14.95 -0.66
N PRO A 231 4.14 -15.24 -1.37
CA PRO A 231 3.93 -16.58 -2.00
C PRO A 231 4.82 -16.96 -3.20
N PHE A 232 5.12 -15.99 -4.08
CA PHE A 232 5.97 -16.21 -5.23
C PHE A 232 7.37 -15.68 -4.98
N ARG A 233 8.30 -16.60 -4.76
CA ARG A 233 9.70 -16.29 -4.44
C ARG A 233 10.59 -17.05 -5.37
N ALA A 234 11.63 -16.39 -5.89
CA ALA A 234 12.62 -17.09 -6.73
C ALA A 234 13.93 -16.30 -6.74
N GLY A 235 14.98 -16.83 -7.40
CA GLY A 235 16.26 -16.11 -7.55
C GLY A 235 16.28 -14.76 -8.27
N ASN A 236 15.32 -14.53 -9.16
CA ASN A 236 15.31 -13.29 -9.92
C ASN A 236 13.90 -13.00 -10.36
N GLU A 237 13.68 -11.84 -10.98
CA GLU A 237 12.32 -11.45 -11.46
C GLU A 237 11.73 -12.35 -12.50
N TYR A 238 12.51 -12.70 -13.52
CA TYR A 238 12.01 -13.58 -14.57
C TYR A 238 11.41 -14.83 -13.94
N LEU A 239 12.12 -15.39 -12.96
CA LEU A 239 11.69 -16.65 -12.34
C LEU A 239 10.44 -16.52 -11.46
N ILE A 240 10.30 -15.36 -10.84
CA ILE A 240 9.13 -14.97 -10.04
C ILE A 240 7.93 -14.74 -10.98
N PHE A 241 8.08 -13.94 -12.01
CA PHE A 241 7.05 -13.79 -13.04
C PHE A 241 6.53 -15.09 -13.61
N GLN A 242 7.46 -16.01 -13.81
CA GLN A 242 7.19 -17.32 -14.35
C GLN A 242 6.34 -18.15 -13.38
N LYS A 243 6.61 -18.08 -12.08
CA LYS A 243 5.74 -18.74 -11.08
C LYS A 243 4.36 -18.10 -10.94
N ILE A 244 4.33 -16.77 -11.06
CA ILE A 244 3.09 -16.02 -10.92
C ILE A 244 2.04 -16.47 -11.95
N ILE A 245 2.48 -16.56 -13.22
CA ILE A 245 1.56 -16.84 -14.32
C ILE A 245 1.12 -18.30 -14.36
N LYS A 246 1.86 -19.14 -13.62
CA LYS A 246 1.56 -20.56 -13.47
C LYS A 246 0.83 -20.84 -12.18
N LEU A 247 0.67 -19.80 -11.34
CA LEU A 247 0.06 -19.89 -10.00
C LEU A 247 0.85 -20.92 -9.16
N GLU A 248 2.17 -20.77 -9.19
CA GLU A 248 3.02 -21.77 -8.56
C GLU A 248 3.49 -21.29 -7.18
N TYR A 249 2.67 -21.60 -6.19
CA TYR A 249 2.96 -21.29 -4.81
C TYR A 249 2.22 -22.36 -4.05
N ASP A 250 2.56 -22.55 -2.78
CA ASP A 250 1.72 -23.39 -1.91
C ASP A 250 1.59 -22.85 -0.49
N PHE A 251 0.63 -23.39 0.27
CA PHE A 251 0.39 -22.98 1.66
C PHE A 251 1.17 -23.89 2.62
N PRO A 252 1.80 -23.29 3.64
CA PRO A 252 2.37 -24.04 4.76
C PRO A 252 1.26 -24.68 5.53
N GLU A 253 1.58 -25.79 6.20
CA GLU A 253 0.55 -26.73 6.65
C GLU A 253 -0.41 -26.15 7.70
N LYS A 254 0.07 -25.23 8.54
CA LYS A 254 -0.77 -24.72 9.63
C LYS A 254 -1.39 -23.35 9.37
N PHE A 255 -1.23 -22.86 8.13
CA PHE A 255 -1.91 -21.67 7.61
C PHE A 255 -3.39 -21.65 8.02
N PHE A 256 -3.84 -20.58 8.66
CA PHE A 256 -5.23 -20.47 9.15
C PHE A 256 -6.18 -20.86 8.03
N PRO A 257 -7.03 -21.88 8.27
CA PRO A 257 -7.88 -22.42 7.18
C PRO A 257 -8.75 -21.38 6.49
N LYS A 258 -9.31 -20.42 7.23
CA LYS A 258 -10.16 -19.41 6.63
C LYS A 258 -9.38 -18.34 5.88
N ALA A 259 -8.16 -18.05 6.35
CA ALA A 259 -7.25 -17.19 5.62
C ALA A 259 -6.82 -17.86 4.30
N ARG A 260 -6.51 -19.15 4.32
CA ARG A 260 -6.14 -19.86 3.08
C ARG A 260 -7.27 -19.80 2.05
N ASP A 261 -8.49 -20.04 2.51
CA ASP A 261 -9.66 -19.95 1.65
C ASP A 261 -9.78 -18.56 1.02
N LEU A 262 -9.63 -17.52 1.82
CA LEU A 262 -9.65 -16.12 1.29
C LEU A 262 -8.52 -15.86 0.29
N VAL A 263 -7.30 -16.25 0.66
CA VAL A 263 -6.16 -16.12 -0.26
C VAL A 263 -6.41 -16.84 -1.60
N GLU A 264 -6.99 -18.05 -1.54
CA GLU A 264 -7.28 -18.81 -2.76
C GLU A 264 -8.33 -18.14 -3.62
N LYS A 265 -9.17 -17.30 -3.02
CA LYS A 265 -10.16 -16.54 -3.77
C LYS A 265 -9.66 -15.18 -4.25
N LEU A 266 -8.46 -14.77 -3.81
CA LEU A 266 -7.85 -13.53 -4.30
C LEU A 266 -6.76 -13.86 -5.31
N LEU A 267 -5.96 -14.91 -5.03
CA LEU A 267 -4.93 -15.33 -5.94
C LEU A 267 -5.54 -16.20 -7.04
N VAL A 268 -6.28 -15.53 -7.92
CA VAL A 268 -6.99 -16.22 -9.01
C VAL A 268 -6.51 -15.59 -10.29
N LEU A 269 -6.13 -16.44 -11.24
CA LEU A 269 -5.46 -16.02 -12.45
C LEU A 269 -6.36 -15.12 -13.28
N ASP A 270 -7.61 -15.54 -13.43
CA ASP A 270 -8.62 -14.72 -14.07
C ASP A 270 -9.05 -13.57 -13.17
N ALA A 271 -8.69 -12.36 -13.57
CA ALA A 271 -8.90 -11.17 -12.73
C ALA A 271 -10.38 -10.81 -12.50
N THR A 272 -11.29 -11.44 -13.23
CA THR A 272 -12.71 -11.13 -13.08
C THR A 272 -13.37 -12.08 -12.11
N LYS A 273 -12.60 -13.01 -11.54
CA LYS A 273 -13.12 -13.97 -10.57
C LYS A 273 -12.55 -13.83 -9.17
N ARG A 274 -11.91 -12.68 -8.90
CA ARG A 274 -11.29 -12.39 -7.62
C ARG A 274 -12.29 -11.72 -6.76
N LEU A 275 -12.41 -12.25 -5.54
CA LEU A 275 -13.29 -11.71 -4.55
C LEU A 275 -12.94 -10.25 -4.31
N GLY A 276 -13.94 -9.36 -4.40
CA GLY A 276 -13.78 -7.93 -4.21
C GLY A 276 -13.94 -7.10 -5.47
N CYS A 277 -13.77 -7.74 -6.63
CA CYS A 277 -13.87 -7.07 -7.91
C CYS A 277 -15.32 -6.86 -8.40
N GLU A 278 -15.48 -6.01 -9.40
CA GLU A 278 -16.82 -5.61 -9.87
C GLU A 278 -17.69 -6.74 -10.43
N GLU A 279 -17.06 -7.65 -11.16
CA GLU A 279 -17.69 -8.82 -11.71
C GLU A 279 -18.18 -9.76 -10.63
N MET A 280 -17.60 -9.65 -9.42
CA MET A 280 -18.01 -10.44 -8.28
C MET A 280 -18.81 -9.59 -7.31
N GLU A 281 -19.23 -8.40 -7.74
CA GLU A 281 -20.13 -7.49 -6.97
C GLU A 281 -19.46 -6.71 -5.82
N GLY A 282 -18.14 -6.51 -5.93
CA GLY A 282 -17.44 -5.54 -5.10
C GLY A 282 -17.09 -6.05 -3.72
N TYR A 283 -17.09 -5.10 -2.77
CA TYR A 283 -16.45 -5.30 -1.48
C TYR A 283 -17.31 -6.02 -0.52
N GLY A 284 -18.61 -6.01 -0.80
CA GLY A 284 -19.61 -6.60 0.14
C GLY A 284 -19.36 -8.07 0.38
N PRO A 285 -19.34 -8.87 -0.68
CA PRO A 285 -18.96 -10.28 -0.56
C PRO A 285 -17.55 -10.52 0.01
N LEU A 286 -16.56 -9.70 -0.37
CA LEU A 286 -15.22 -9.80 0.20
C LEU A 286 -15.26 -9.58 1.72
N LYS A 287 -15.87 -8.49 2.17
CA LYS A 287 -16.04 -8.23 3.60
C LYS A 287 -16.89 -9.27 4.35
N ALA A 288 -17.80 -9.96 3.66
CA ALA A 288 -18.62 -11.07 4.25
C ALA A 288 -17.87 -12.37 4.34
N HIS A 289 -16.65 -12.41 3.82
CA HIS A 289 -15.91 -13.64 3.84
C HIS A 289 -15.80 -14.16 5.27
N PRO A 290 -15.94 -15.51 5.51
CA PRO A 290 -15.82 -16.09 6.85
C PRO A 290 -14.60 -15.68 7.70
N PHE A 291 -13.50 -15.34 7.07
CA PHE A 291 -12.30 -14.92 7.79
C PHE A 291 -12.54 -13.64 8.58
N PHE A 292 -13.46 -12.83 8.09
CA PHE A 292 -13.81 -11.55 8.71
C PHE A 292 -15.06 -11.56 9.61
N GLU A 293 -15.55 -12.75 9.96
CA GLU A 293 -16.78 -12.93 10.70
C GLU A 293 -16.91 -11.97 11.90
N SER A 294 -15.88 -11.98 12.74
CA SER A 294 -15.86 -11.15 13.96
C SER A 294 -15.47 -9.64 13.77
N VAL A 295 -15.20 -9.22 12.53
CA VAL A 295 -14.76 -7.83 12.27
C VAL A 295 -15.96 -6.85 12.31
N THR A 296 -15.78 -5.72 12.99
CA THR A 296 -16.69 -4.59 12.88
C THR A 296 -16.05 -3.58 11.92
N TRP A 297 -16.58 -3.59 10.70
CA TRP A 297 -16.02 -2.88 9.57
C TRP A 297 -16.16 -1.36 9.66
N GLU A 298 -17.07 -0.89 10.50
CA GLU A 298 -17.53 0.50 10.47
C GLU A 298 -16.62 1.56 11.10
N ASN A 299 -15.83 1.18 12.09
CA ASN A 299 -14.99 2.09 12.84
C ASN A 299 -13.62 1.47 13.17
N LEU A 300 -13.01 0.79 12.22
CA LEU A 300 -11.74 0.15 12.49
C LEU A 300 -10.64 1.07 13.04
N HIS A 301 -10.60 2.33 12.60
CA HIS A 301 -9.48 3.18 13.02
C HIS A 301 -9.58 3.68 14.46
N GLN A 302 -10.69 3.36 15.12
CA GLN A 302 -10.97 3.75 16.50
C GLN A 302 -10.97 2.54 17.42
N GLN A 303 -10.83 1.36 16.82
CA GLN A 303 -10.59 0.16 17.55
C GLN A 303 -9.12 0.14 17.92
N THR A 304 -8.83 -0.43 19.09
CA THR A 304 -7.43 -0.61 19.54
C THR A 304 -6.83 -1.80 18.86
N PRO A 305 -5.74 -1.61 18.09
CA PRO A 305 -5.16 -2.77 17.47
C PRO A 305 -4.58 -3.79 18.46
N PRO A 306 -4.68 -5.07 18.09
CA PRO A 306 -4.07 -6.20 18.76
C PRO A 306 -2.56 -6.00 18.82
N LYS A 307 -1.96 -6.43 19.93
CA LYS A 307 -0.53 -6.34 20.10
C LYS A 307 0.16 -7.29 19.16
N LEU A 308 1.12 -6.77 18.40
CA LEU A 308 1.98 -7.58 17.53
C LEU A 308 3.00 -8.40 18.35
N THR A 309 2.96 -9.71 18.13
CA THR A 309 2.98 -10.77 19.19
C THR A 309 3.26 -10.40 20.66
#